data_7SFM
#
_entry.id   7SFM
#
_cell.length_a   104.891
_cell.length_b   104.891
_cell.length_c   127.802
_cell.angle_alpha   90.000
_cell.angle_beta   90.000
_cell.angle_gamma   120.000
#
_symmetry.space_group_name_H-M   'P 31 2 1'
#
loop_
_entity.id
_entity.type
_entity.pdbx_description
1 polymer Hip1
2 non-polymer GLYCEROL
3 non-polymer 'ACETATE ION'
4 water water
#
_entity_poly.entity_id   1
_entity_poly.type   'polypeptide(L)'
_entity_poly.pdbx_seq_one_letter_code
;AAAALAQPVEWTPCRSSNPQVKIPGGALCGKLAVPVDYDRPDGDVAALALIRFPATGDKIGSLVINPGGPGESGIEAALG
VFQTLPKRVHERFDLVGFDPRGVASSRPAIWCNSDADNDRLRAEPQVDYSREGVAHIENETKQFVGRCVDK(MSE)GKNF
LAHVGTVNVAKDLDAIRAALGDDKLTYLGYSYGTRIGSAYAEEFPQRVRA(MSE)ILDGAVDPNADPIEAELRQAKGFQD
AFNNYAADCAKNAGCPLGADPAKAVEVYHSLVDPLVDPDNPRISRPARTKDPRGLSYSDAIVGTI(MSE)ALYSPNLWQH
LTDGLSELVDNRGDTLLALAD(MSE)Y(MSE)RRDSHGRYNNSGDARVAINCVDQPPVTDRDKVIDEDRRAREIAPF
(MSE)SYGKFTGDAPLGTCAFWPVPPTSQPHAVSAPGLVPTVVVSTTHDPATPYKAGVDLANQLRGSLLTFDGTQHTVVF
QGDSCIDEYVTAYLIGGTTPPSGAKC
;
_entity_poly.pdbx_strand_id   A
#
# COMPACT_ATOMS: atom_id res chain seq x y z
N ALA A 1 -21.43 -17.78 4.96
CA ALA A 1 -22.06 -18.12 6.22
C ALA A 1 -22.79 -16.92 6.83
N ALA A 2 -22.17 -15.74 6.77
CA ALA A 2 -22.79 -14.54 7.32
C ALA A 2 -24.08 -14.23 6.57
N ALA A 3 -25.17 -14.01 7.31
CA ALA A 3 -26.50 -13.87 6.71
C ALA A 3 -26.65 -12.51 6.05
N ALA A 4 -27.26 -12.53 4.85
CA ALA A 4 -27.07 -11.48 3.84
C ALA A 4 -27.51 -10.09 4.32
N LEU A 5 -28.51 -10.02 5.19
CA LEU A 5 -28.93 -8.74 5.73
C LEU A 5 -28.49 -8.65 7.18
N ALA A 6 -28.46 -7.41 7.68
CA ALA A 6 -28.12 -7.09 9.06
C ALA A 6 -28.49 -8.18 10.05
N GLN A 7 -27.80 -9.33 9.94
CA GLN A 7 -27.67 -10.30 11.01
C GLN A 7 -26.48 -9.88 11.86
N PRO A 8 -26.60 -9.77 13.17
CA PRO A 8 -25.48 -9.29 13.98
C PRO A 8 -24.25 -10.17 13.76
N VAL A 9 -23.08 -9.55 13.91
CA VAL A 9 -21.83 -10.29 13.83
C VAL A 9 -21.78 -11.28 14.99
N GLU A 10 -21.66 -12.56 14.67
CA GLU A 10 -21.44 -13.57 15.70
C GLU A 10 -19.94 -13.60 16.03
N TRP A 11 -19.58 -13.11 17.21
CA TRP A 11 -18.18 -13.06 17.61
C TRP A 11 -17.78 -14.38 18.28
N THR A 12 -16.55 -14.81 18.01
CA THR A 12 -15.96 -16.00 18.61
C THR A 12 -14.46 -15.78 18.75
N PRO A 13 -13.84 -16.34 19.79
CA PRO A 13 -12.39 -16.13 19.98
C PRO A 13 -11.58 -16.57 18.77
N CYS A 14 -10.61 -15.73 18.38
CA CYS A 14 -9.78 -16.02 17.21
C CYS A 14 -8.82 -17.17 17.52
N ARG A 15 -8.58 -18.01 16.50
CA ARG A 15 -7.66 -19.13 16.63
C ARG A 15 -6.73 -19.17 15.41
N ILE A 23 -2.61 -15.61 19.87
CA ILE A 23 -3.51 -14.49 19.65
C ILE A 23 -3.77 -13.76 20.97
N PRO A 24 -3.36 -12.50 21.05
CA PRO A 24 -3.34 -11.80 22.34
C PRO A 24 -4.64 -11.05 22.64
N GLY A 25 -4.76 -10.63 23.90
CA GLY A 25 -5.75 -9.64 24.30
C GLY A 25 -7.20 -10.06 24.16
N GLY A 26 -7.50 -11.35 24.34
CA GLY A 26 -8.88 -11.81 24.23
C GLY A 26 -9.54 -11.48 22.90
N ALA A 27 -8.79 -11.55 21.81
CA ALA A 27 -9.28 -11.12 20.51
C ALA A 27 -10.49 -11.94 20.08
N LEU A 28 -11.47 -11.25 19.50
CA LEU A 28 -12.66 -11.88 18.94
C LEU A 28 -12.69 -11.67 17.43
N CYS A 29 -13.30 -12.63 16.73
CA CYS A 29 -13.30 -12.69 15.29
C CYS A 29 -14.72 -12.99 14.83
N GLY A 30 -15.07 -12.48 13.65
CA GLY A 30 -16.41 -12.70 13.12
C GLY A 30 -16.49 -12.13 11.72
N LYS A 31 -17.62 -12.40 11.07
CA LYS A 31 -17.83 -12.03 9.68
C LYS A 31 -19.06 -11.15 9.55
N LEU A 32 -19.03 -10.25 8.56
CA LEU A 32 -20.16 -9.39 8.26
C LEU A 32 -20.50 -9.52 6.78
N ALA A 33 -21.77 -9.81 6.50
CA ALA A 33 -22.26 -9.87 5.13
C ALA A 33 -22.53 -8.47 4.61
N VAL A 34 -22.06 -8.19 3.40
CA VAL A 34 -22.41 -6.96 2.68
C VAL A 34 -22.81 -7.35 1.25
N PRO A 35 -23.66 -6.59 0.58
CA PRO A 35 -23.98 -6.91 -0.82
C PRO A 35 -22.80 -6.61 -1.72
N VAL A 36 -22.59 -7.49 -2.71
CA VAL A 36 -21.55 -7.23 -3.71
C VAL A 36 -21.86 -5.93 -4.45
N ASP A 37 -23.10 -5.79 -4.90
CA ASP A 37 -23.62 -4.62 -5.60
C ASP A 37 -24.68 -3.98 -4.72
N TYR A 38 -24.41 -2.76 -4.25
CA TYR A 38 -25.36 -2.10 -3.36
C TYR A 38 -26.66 -1.71 -4.07
N ASP A 39 -26.64 -1.58 -5.40
CA ASP A 39 -27.86 -1.42 -6.18
C ASP A 39 -28.59 -2.75 -6.41
N ARG A 40 -28.07 -3.86 -5.87
CA ARG A 40 -28.64 -5.19 -6.06
C ARG A 40 -28.61 -5.93 -4.72
N PRO A 41 -29.28 -5.40 -3.69
CA PRO A 41 -29.11 -5.96 -2.33
C PRO A 41 -29.58 -7.39 -2.20
N ASP A 42 -30.43 -7.89 -3.10
CA ASP A 42 -30.84 -9.30 -3.09
C ASP A 42 -29.92 -10.17 -3.95
N GLY A 43 -28.75 -9.67 -4.33
CA GLY A 43 -27.85 -10.40 -5.19
C GLY A 43 -26.78 -11.14 -4.44
N ASP A 44 -25.65 -11.35 -5.10
CA ASP A 44 -24.51 -12.00 -4.47
C ASP A 44 -24.04 -11.21 -3.26
N VAL A 45 -23.51 -11.94 -2.29
CA VAL A 45 -23.09 -11.40 -1.00
C VAL A 45 -21.59 -11.63 -0.84
N ALA A 46 -20.91 -10.67 -0.23
CA ALA A 46 -19.53 -10.86 0.22
C ALA A 46 -19.51 -10.97 1.72
N ALA A 47 -18.56 -11.74 2.25
CA ALA A 47 -18.39 -11.89 3.70
C ALA A 47 -17.07 -11.23 4.11
N LEU A 48 -17.16 -10.17 4.93
CA LEU A 48 -15.98 -9.46 5.39
C LEU A 48 -15.51 -10.02 6.73
N ALA A 49 -14.22 -10.28 6.83
CA ALA A 49 -13.62 -10.81 8.05
C ALA A 49 -13.22 -9.66 8.97
N LEU A 50 -13.53 -9.80 10.26
CA LEU A 50 -13.29 -8.77 11.27
C LEU A 50 -12.51 -9.35 12.44
N ILE A 51 -11.73 -8.49 13.09
CA ILE A 51 -11.06 -8.82 14.34
C ILE A 51 -11.30 -7.68 15.31
N ARG A 52 -11.44 -8.02 16.59
CA ARG A 52 -11.87 -7.08 17.62
C ARG A 52 -11.08 -7.34 18.89
N PHE A 53 -10.33 -6.34 19.35
CA PHE A 53 -9.62 -6.39 20.63
C PHE A 53 -10.35 -5.52 21.65
N PRO A 54 -11.15 -6.09 22.55
CA PRO A 54 -11.99 -5.25 23.43
C PRO A 54 -11.19 -4.28 24.30
N ALA A 55 -11.77 -3.09 24.47
CA ALA A 55 -11.19 -2.07 25.35
C ALA A 55 -11.04 -2.60 26.76
N THR A 56 -10.00 -2.15 27.46
CA THR A 56 -9.74 -2.58 28.83
C THR A 56 -10.32 -1.65 29.88
N GLY A 57 -10.90 -0.51 29.49
CA GLY A 57 -11.42 0.48 30.41
C GLY A 57 -12.80 0.93 29.98
N ASP A 58 -13.07 2.24 30.17
CA ASP A 58 -14.35 2.82 29.81
C ASP A 58 -14.43 2.96 28.29
N LYS A 59 -15.30 2.19 27.65
CA LYS A 59 -15.28 2.09 26.19
C LYS A 59 -16.00 3.29 25.56
N ILE A 60 -15.26 4.07 24.77
CA ILE A 60 -15.86 5.10 23.93
C ILE A 60 -16.53 4.48 22.72
N GLY A 61 -15.83 3.56 22.06
CA GLY A 61 -16.34 2.89 20.88
C GLY A 61 -15.23 2.03 20.29
N SER A 62 -15.32 1.79 18.99
CA SER A 62 -14.28 1.06 18.28
C SER A 62 -13.36 2.01 17.51
N LEU A 63 -12.07 1.70 17.55
CA LEU A 63 -11.11 2.31 16.63
C LEU A 63 -10.91 1.36 15.46
N VAL A 64 -11.46 1.70 14.30
CA VAL A 64 -11.37 0.88 13.10
C VAL A 64 -10.17 1.33 12.28
N ILE A 65 -9.31 0.39 11.89
CA ILE A 65 -8.11 0.73 11.14
C ILE A 65 -8.14 0.11 9.75
N ASN A 66 -7.36 0.72 8.85
CA ASN A 66 -7.05 0.13 7.54
C ASN A 66 -5.58 0.41 7.29
N PRO A 67 -4.81 -0.61 6.92
CA PRO A 67 -3.35 -0.45 6.74
C PRO A 67 -2.90 0.02 5.37
N GLY A 68 -3.78 0.16 4.41
CA GLY A 68 -3.34 0.63 3.11
C GLY A 68 -3.20 -0.45 2.04
N GLY A 69 -2.26 -0.25 1.13
CA GLY A 69 -2.08 -1.14 0.00
C GLY A 69 -2.42 -0.45 -1.31
N PRO A 70 -3.63 -0.70 -1.85
CA PRO A 70 -4.66 -1.62 -1.31
C PRO A 70 -4.24 -3.08 -1.39
N GLY A 71 -5.11 -3.98 -0.91
CA GLY A 71 -4.79 -5.38 -0.85
C GLY A 71 -4.20 -5.87 0.46
N GLU A 72 -3.97 -4.98 1.43
CA GLU A 72 -3.38 -5.35 2.71
C GLU A 72 -4.45 -5.73 3.72
N SER A 73 -4.18 -6.77 4.51
CA SER A 73 -5.15 -7.30 5.47
C SER A 73 -5.25 -6.39 6.69
N GLY A 74 -6.48 -5.95 6.98
CA GLY A 74 -6.69 -5.18 8.20
C GLY A 74 -6.65 -6.02 9.46
N ILE A 75 -6.99 -7.30 9.37
CA ILE A 75 -6.85 -8.19 10.51
C ILE A 75 -5.38 -8.32 10.90
N GLU A 76 -4.52 -8.63 9.92
CA GLU A 76 -3.08 -8.71 10.18
C GLU A 76 -2.55 -7.41 10.75
N ALA A 77 -2.98 -6.26 10.20
CA ALA A 77 -2.47 -4.99 10.69
C ALA A 77 -2.95 -4.72 12.12
N ALA A 78 -4.21 -5.03 12.43
CA ALA A 78 -4.69 -4.89 13.79
C ALA A 78 -3.86 -5.70 14.78
N LEU A 79 -3.52 -6.95 14.43
CA LEU A 79 -2.64 -7.74 15.28
C LEU A 79 -1.29 -7.05 15.47
N GLY A 80 -0.75 -6.42 14.41
CA GLY A 80 0.49 -5.69 14.56
C GLY A 80 0.33 -4.43 15.39
N VAL A 81 -0.74 -3.66 15.13
CA VAL A 81 -0.98 -2.41 15.85
C VAL A 81 -1.25 -2.68 17.33
N PHE A 82 -1.91 -3.80 17.65
CA PHE A 82 -2.18 -4.12 19.05
C PHE A 82 -0.93 -4.06 19.90
N GLN A 83 0.22 -4.49 19.36
CA GLN A 83 1.46 -4.54 20.12
C GLN A 83 2.03 -3.15 20.41
N THR A 84 1.74 -2.14 19.57
CA THR A 84 2.28 -0.80 19.74
C THR A 84 1.21 0.23 20.10
N LEU A 85 0.01 -0.22 20.45
CA LEU A 85 -1.08 0.68 20.78
C LEU A 85 -0.81 1.37 22.12
N PRO A 86 -0.94 2.69 22.21
CA PRO A 86 -0.80 3.34 23.52
C PRO A 86 -1.82 2.81 24.52
N LYS A 87 -1.37 2.69 25.77
CA LYS A 87 -2.23 2.25 26.87
C LYS A 87 -3.59 2.95 26.90
N ARG A 88 -3.61 4.27 26.72
CA ARG A 88 -4.87 5.01 26.80
C ARG A 88 -5.83 4.64 25.67
N VAL A 89 -5.30 4.42 24.46
CA VAL A 89 -6.17 3.99 23.36
C VAL A 89 -6.74 2.61 23.64
N HIS A 90 -5.89 1.70 24.11
CA HIS A 90 -6.33 0.36 24.48
C HIS A 90 -7.41 0.39 25.55
N GLU A 91 -7.32 1.35 26.49
CA GLU A 91 -8.33 1.48 27.53
C GLU A 91 -9.67 1.96 26.97
N ARG A 92 -9.65 2.95 26.08
CA ARG A 92 -10.88 3.62 25.69
C ARG A 92 -11.54 3.07 24.42
N PHE A 93 -10.83 2.26 23.61
CA PHE A 93 -11.38 1.78 22.34
C PHE A 93 -11.18 0.28 22.17
N ASP A 94 -12.19 -0.38 21.57
CA ASP A 94 -12.00 -1.67 20.92
C ASP A 94 -11.17 -1.46 19.66
N LEU A 95 -10.01 -2.09 19.56
CA LEU A 95 -9.24 -2.04 18.31
C LEU A 95 -9.85 -3.02 17.32
N VAL A 96 -10.30 -2.53 16.16
CA VAL A 96 -10.96 -3.37 15.17
C VAL A 96 -10.21 -3.28 13.85
N GLY A 97 -9.89 -4.43 13.28
CA GLY A 97 -9.39 -4.52 11.92
C GLY A 97 -10.42 -5.24 11.06
N PHE A 98 -10.40 -4.95 9.76
CA PHE A 98 -11.25 -5.66 8.81
C PHE A 98 -10.47 -5.89 7.53
N ASP A 99 -10.78 -6.99 6.87
CA ASP A 99 -10.25 -7.23 5.54
C ASP A 99 -11.25 -6.66 4.54
N PRO A 100 -10.87 -5.66 3.73
CA PRO A 100 -11.80 -5.10 2.74
C PRO A 100 -12.35 -6.18 1.82
N ARG A 101 -13.45 -5.90 1.15
CA ARG A 101 -13.99 -6.86 0.19
C ARG A 101 -12.91 -7.28 -0.79
N GLY A 102 -12.77 -8.59 -0.98
CA GLY A 102 -11.80 -9.16 -1.90
C GLY A 102 -10.41 -9.38 -1.35
N VAL A 103 -10.15 -9.04 -0.10
CA VAL A 103 -8.80 -9.03 0.45
C VAL A 103 -8.66 -10.10 1.53
N ALA A 104 -7.57 -10.88 1.44
CA ALA A 104 -7.13 -11.79 2.50
C ALA A 104 -8.23 -12.75 2.95
N SER A 105 -8.70 -12.65 4.19
CA SER A 105 -9.70 -13.61 4.68
C SER A 105 -11.13 -13.29 4.29
N SER A 106 -11.40 -12.15 3.65
CA SER A 106 -12.75 -11.89 3.18
C SER A 106 -13.06 -12.73 1.94
N ARG A 107 -14.36 -12.97 1.71
CA ARG A 107 -14.79 -13.86 0.64
C ARG A 107 -15.90 -13.23 -0.19
N PRO A 108 -15.85 -13.37 -1.53
CA PRO A 108 -14.74 -14.02 -2.26
C PRO A 108 -13.46 -13.17 -2.29
N ALA A 109 -12.31 -13.84 -2.37
CA ALA A 109 -11.01 -13.19 -2.37
C ALA A 109 -10.53 -13.03 -3.81
N ILE A 110 -10.04 -11.84 -4.15
CA ILE A 110 -9.49 -11.62 -5.49
C ILE A 110 -8.28 -12.52 -5.68
N TRP A 111 -8.33 -13.37 -6.72
CA TRP A 111 -7.20 -14.18 -7.13
C TRP A 111 -7.07 -14.08 -8.64
N CYS A 112 -5.87 -13.80 -9.11
CA CYS A 112 -5.56 -13.84 -10.54
C CYS A 112 -4.42 -14.80 -10.86
N ASN A 113 -3.29 -14.66 -10.17
CA ASN A 113 -2.09 -15.44 -10.49
C ASN A 113 -1.97 -16.62 -9.54
N SER A 114 -1.52 -17.75 -10.09
CA SER A 114 -1.00 -18.81 -9.25
C SER A 114 0.36 -18.40 -8.68
N ASP A 115 0.85 -19.16 -7.70
CA ASP A 115 2.19 -18.93 -7.18
C ASP A 115 3.23 -19.02 -8.30
N ALA A 116 3.02 -19.94 -9.25
CA ALA A 116 3.96 -20.11 -10.35
C ALA A 116 3.94 -18.93 -11.30
N ASP A 117 2.75 -18.38 -11.58
CA ASP A 117 2.66 -17.19 -12.41
C ASP A 117 3.51 -16.07 -11.83
N ASN A 118 3.44 -15.86 -10.51
CA ASN A 118 4.20 -14.79 -9.87
C ASN A 118 5.69 -15.05 -9.93
N ASP A 119 6.11 -16.26 -9.52
CA ASP A 119 7.52 -16.65 -9.59
C ASP A 119 8.08 -16.47 -11.00
N ARG A 120 7.33 -16.87 -12.02
CA ARG A 120 7.86 -16.78 -13.38
C ARG A 120 8.08 -15.33 -13.80
N LEU A 121 7.16 -14.43 -13.41
CA LEU A 121 7.32 -13.01 -13.71
C LEU A 121 8.55 -12.43 -12.99
N ARG A 122 8.74 -12.78 -11.72
CA ARG A 122 9.86 -12.22 -10.97
C ARG A 122 11.21 -12.71 -11.49
N ALA A 123 11.24 -13.83 -12.22
CA ALA A 123 12.50 -14.31 -12.76
C ALA A 123 12.99 -13.48 -13.93
N GLU A 124 12.11 -12.69 -14.52
CA GLU A 124 12.42 -11.87 -15.70
C GLU A 124 13.09 -10.56 -15.28
N PRO A 125 14.10 -10.11 -16.01
CA PRO A 125 14.68 -8.79 -15.70
C PRO A 125 13.67 -7.66 -15.77
N GLN A 126 12.67 -7.74 -16.66
CA GLN A 126 11.63 -6.72 -16.82
C GLN A 126 12.22 -5.36 -17.20
N VAL A 127 13.27 -5.41 -18.00
CA VAL A 127 14.10 -4.26 -18.33
C VAL A 127 14.06 -3.90 -19.82
N ASP A 128 13.61 -4.80 -20.68
CA ASP A 128 13.67 -4.63 -22.13
C ASP A 128 12.44 -3.86 -22.57
N TYR A 129 12.63 -2.57 -22.89
CA TYR A 129 11.57 -1.69 -23.36
C TYR A 129 11.71 -1.37 -24.85
N SER A 130 12.41 -2.22 -25.61
CA SER A 130 12.25 -2.20 -27.05
C SER A 130 10.81 -2.54 -27.41
N ARG A 131 10.46 -2.35 -28.68
CA ARG A 131 9.13 -2.75 -29.15
C ARG A 131 8.84 -4.21 -28.80
N GLU A 132 9.82 -5.09 -29.04
CA GLU A 132 9.61 -6.50 -28.71
C GLU A 132 9.39 -6.70 -27.21
N GLY A 133 10.16 -5.99 -26.38
CA GLY A 133 9.99 -6.10 -24.94
C GLY A 133 8.66 -5.55 -24.46
N VAL A 134 8.23 -4.42 -25.03
CA VAL A 134 6.94 -3.87 -24.65
C VAL A 134 5.82 -4.84 -25.04
N ALA A 135 5.88 -5.40 -26.24
CA ALA A 135 4.88 -6.39 -26.67
C ALA A 135 4.84 -7.59 -25.72
N HIS A 136 6.00 -8.06 -25.27
CA HIS A 136 6.03 -9.19 -24.34
C HIS A 136 5.31 -8.83 -23.04
N ILE A 137 5.66 -7.67 -22.46
CA ILE A 137 5.06 -7.24 -21.19
C ILE A 137 3.55 -7.13 -21.34
N GLU A 138 3.09 -6.49 -22.41
CA GLU A 138 1.66 -6.29 -22.60
C GLU A 138 0.93 -7.61 -22.88
N ASN A 139 1.59 -8.56 -23.53
CA ASN A 139 0.99 -9.89 -23.66
C ASN A 139 0.81 -10.55 -22.29
N GLU A 140 1.86 -10.52 -21.47
CA GLU A 140 1.76 -11.03 -20.10
C GLU A 140 0.61 -10.36 -19.35
N THR A 141 0.48 -9.04 -19.52
CA THR A 141 -0.57 -8.28 -18.84
C THR A 141 -1.96 -8.70 -19.29
N LYS A 142 -2.16 -8.90 -20.61
CA LYS A 142 -3.45 -9.37 -21.10
C LYS A 142 -3.80 -10.74 -20.52
N GLN A 143 -2.79 -11.62 -20.42
CA GLN A 143 -3.05 -12.94 -19.86
C GLN A 143 -3.39 -12.85 -18.39
N PHE A 144 -2.73 -11.95 -17.64
CA PHE A 144 -3.08 -11.71 -16.25
C PHE A 144 -4.55 -11.31 -16.10
N VAL A 145 -4.98 -10.32 -16.89
CA VAL A 145 -6.36 -9.84 -16.83
C VAL A 145 -7.34 -10.97 -17.15
N GLY A 146 -7.04 -11.76 -18.20
CA GLY A 146 -7.86 -12.93 -18.48
C GLY A 146 -8.01 -13.84 -17.28
N ARG A 147 -6.92 -14.09 -16.55
CA ARG A 147 -6.99 -14.94 -15.37
C ARG A 147 -7.89 -14.32 -14.29
N CYS A 148 -7.78 -13.00 -14.07
CA CYS A 148 -8.66 -12.35 -13.11
C CYS A 148 -10.13 -12.55 -13.47
N VAL A 149 -10.49 -12.26 -14.72
CA VAL A 149 -11.86 -12.45 -15.18
C VAL A 149 -12.30 -13.90 -14.98
N ASP A 150 -11.44 -14.85 -15.40
CA ASP A 150 -11.82 -16.26 -15.31
C ASP A 150 -12.10 -16.69 -13.88
N LYS A 151 -11.29 -16.25 -12.92
CA LYS A 151 -11.43 -16.69 -11.54
C LYS A 151 -12.48 -15.90 -10.76
N GLY A 153 -14.98 -13.39 -12.21
CA GLY A 153 -16.14 -12.84 -12.89
C GLY A 153 -16.12 -11.32 -12.91
N LYS A 154 -16.74 -10.72 -13.93
CA LYS A 154 -16.70 -9.27 -14.06
C LYS A 154 -17.50 -8.57 -12.98
N ASN A 155 -18.55 -9.20 -12.45
CA ASN A 155 -19.41 -8.52 -11.49
C ASN A 155 -18.68 -8.23 -10.18
N PHE A 156 -17.96 -9.22 -9.63
CA PHE A 156 -17.23 -8.95 -8.40
C PHE A 156 -16.10 -7.95 -8.66
N LEU A 157 -15.38 -8.11 -9.78
CA LEU A 157 -14.32 -7.16 -10.10
C LEU A 157 -14.87 -5.75 -10.22
N ALA A 158 -16.06 -5.59 -10.82
CA ALA A 158 -16.60 -4.27 -11.04
C ALA A 158 -16.87 -3.52 -9.73
N HIS A 159 -16.98 -4.24 -8.61
CA HIS A 159 -17.49 -3.66 -7.37
C HIS A 159 -16.50 -3.72 -6.20
N VAL A 160 -15.22 -4.00 -6.46
CA VAL A 160 -14.24 -4.07 -5.38
C VAL A 160 -13.67 -2.72 -5.00
N GLY A 161 -14.07 -1.65 -5.69
CA GLY A 161 -13.42 -0.37 -5.52
C GLY A 161 -13.73 0.29 -4.18
N THR A 162 -12.99 1.37 -3.94
CA THR A 162 -13.05 2.08 -2.66
C THR A 162 -14.43 2.69 -2.42
N VAL A 163 -15.14 3.08 -3.47
CA VAL A 163 -16.49 3.65 -3.27
C VAL A 163 -17.38 2.65 -2.55
N ASN A 164 -17.19 1.37 -2.80
CA ASN A 164 -17.96 0.32 -2.15
C ASN A 164 -17.36 -0.08 -0.81
N VAL A 165 -16.02 0.01 -0.67
CA VAL A 165 -15.40 -0.22 0.63
C VAL A 165 -15.93 0.80 1.65
N ALA A 166 -16.13 2.05 1.22
CA ALA A 166 -16.62 3.08 2.13
C ALA A 166 -18.02 2.77 2.62
N LYS A 167 -18.88 2.24 1.73
CA LYS A 167 -20.20 1.78 2.15
C LYS A 167 -20.10 0.58 3.08
N ASP A 168 -19.21 -0.38 2.77
CA ASP A 168 -18.96 -1.46 3.71
C ASP A 168 -18.57 -0.92 5.07
N LEU A 169 -17.75 0.14 5.09
CA LEU A 169 -17.25 0.67 6.35
C LEU A 169 -18.40 1.20 7.22
N ASP A 170 -19.43 1.79 6.60
CA ASP A 170 -20.55 2.25 7.41
C ASP A 170 -21.33 1.07 7.97
N ALA A 171 -21.46 0.00 7.18
CA ALA A 171 -22.10 -1.21 7.70
C ALA A 171 -21.31 -1.79 8.87
N ILE A 172 -19.98 -1.72 8.79
CA ILE A 172 -19.13 -2.16 9.89
C ILE A 172 -19.35 -1.30 11.12
N ARG A 173 -19.37 0.03 10.94
CA ARG A 173 -19.67 0.94 12.04
C ARG A 173 -20.95 0.51 12.76
N ALA A 174 -22.04 0.28 12.00
CA ALA A 174 -23.31 -0.06 12.61
C ALA A 174 -23.27 -1.45 13.26
N ALA A 175 -22.56 -2.40 12.63
CA ALA A 175 -22.43 -3.74 13.19
C ALA A 175 -21.60 -3.76 14.47
N LEU A 176 -20.74 -2.78 14.67
CA LEU A 176 -19.97 -2.69 15.90
C LEU A 176 -20.72 -1.96 17.02
N GLY A 177 -21.96 -1.52 16.77
CA GLY A 177 -22.71 -0.75 17.75
C GLY A 177 -22.28 0.69 17.93
N ASP A 178 -21.49 1.24 17.01
CA ASP A 178 -21.03 2.62 17.10
C ASP A 178 -21.98 3.52 16.33
N ASP A 179 -22.46 4.58 17.01
CA ASP A 179 -23.25 5.63 16.36
C ASP A 179 -22.43 6.40 15.33
N LYS A 180 -21.13 6.55 15.58
CA LYS A 180 -20.23 7.35 14.77
C LYS A 180 -18.90 6.63 14.65
N LEU A 181 -18.21 6.86 13.55
CA LEU A 181 -17.00 6.11 13.21
C LEU A 181 -15.77 6.82 13.75
N THR A 182 -14.90 6.07 14.44
CA THR A 182 -13.56 6.51 14.79
C THR A 182 -12.60 5.69 13.94
N TYR A 183 -11.78 6.36 13.12
CA TYR A 183 -11.09 5.68 12.03
C TYR A 183 -9.63 6.11 11.94
N LEU A 184 -8.74 5.14 11.75
CA LEU A 184 -7.34 5.39 11.42
C LEU A 184 -7.01 4.69 10.11
N GLY A 185 -6.55 5.45 9.13
CA GLY A 185 -6.20 4.89 7.83
C GLY A 185 -4.78 5.24 7.44
N TYR A 186 -4.06 4.24 6.95
CA TYR A 186 -2.70 4.42 6.44
C TYR A 186 -2.70 4.34 4.92
N SER A 187 -1.89 5.21 4.29
CA SER A 187 -1.73 5.35 2.84
C SER A 187 -3.03 5.29 2.04
N TYR A 188 -3.18 4.18 1.32
CA TYR A 188 -4.38 3.91 0.56
C TYR A 188 -5.62 4.03 1.45
N GLY A 189 -5.49 3.72 2.74
CA GLY A 189 -6.61 3.81 3.67
C GLY A 189 -7.10 5.23 3.88
N THR A 190 -6.31 6.23 3.50
CA THR A 190 -6.82 7.60 3.55
C THR A 190 -7.75 7.90 2.37
N ARG A 191 -7.69 7.09 1.30
CA ARG A 191 -8.72 7.16 0.26
C ARG A 191 -10.03 6.54 0.76
N ILE A 192 -9.95 5.42 1.47
CA ILE A 192 -11.13 4.93 2.18
C ILE A 192 -11.68 6.02 3.09
N GLY A 193 -10.79 6.68 3.84
CA GLY A 193 -11.24 7.68 4.80
C GLY A 193 -11.97 8.84 4.14
N SER A 194 -11.37 9.43 3.11
CA SER A 194 -12.00 10.59 2.47
C SER A 194 -13.24 10.21 1.69
N ALA A 195 -13.27 9.01 1.09
CA ALA A 195 -14.51 8.52 0.47
C ALA A 195 -15.61 8.33 1.51
N TYR A 196 -15.29 7.71 2.64
CA TYR A 196 -16.26 7.62 3.73
C TYR A 196 -16.70 9.01 4.19
N ALA A 197 -15.75 9.93 4.34
CA ALA A 197 -16.08 11.28 4.78
C ALA A 197 -17.05 11.96 3.84
N GLU A 198 -16.94 11.70 2.53
CA GLU A 198 -17.83 12.37 1.58
C GLU A 198 -19.23 11.77 1.60
N GLU A 199 -19.34 10.46 1.78
CA GLU A 199 -20.64 9.81 1.68
C GLU A 199 -21.38 9.79 3.01
N PHE A 200 -20.66 9.70 4.14
CA PHE A 200 -21.27 9.64 5.47
C PHE A 200 -20.67 10.68 6.41
N PRO A 201 -20.65 11.97 6.01
CA PRO A 201 -20.01 12.97 6.89
C PRO A 201 -20.66 13.05 8.26
N GLN A 202 -21.98 12.84 8.35
CA GLN A 202 -22.68 12.90 9.62
C GLN A 202 -22.33 11.74 10.54
N ARG A 203 -21.62 10.73 10.06
CA ARG A 203 -21.25 9.57 10.86
C ARG A 203 -19.81 9.61 11.36
N VAL A 204 -19.03 10.61 11.00
CA VAL A 204 -17.61 10.64 11.35
C VAL A 204 -17.46 11.27 12.73
N ARG A 205 -17.01 10.46 13.71
CA ARG A 205 -16.58 11.00 15.00
C ARG A 205 -15.15 11.54 14.93
N ALA A 206 -14.23 10.76 14.38
CA ALA A 206 -12.82 11.13 14.37
C ALA A 206 -12.11 10.38 13.26
N ILE A 208 -7.95 9.79 11.73
CA ILE A 208 -6.50 9.96 11.56
C ILE A 208 -6.12 9.34 10.22
N LEU A 209 -5.46 10.12 9.37
CA LEU A 209 -5.07 9.70 8.02
C LEU A 209 -3.57 9.86 7.88
N ASP A 210 -2.83 8.76 7.94
CA ASP A 210 -1.36 8.76 8.00
C ASP A 210 -0.82 8.27 6.66
N GLY A 211 -0.15 9.16 5.92
CA GLY A 211 0.40 8.80 4.62
C GLY A 211 -0.65 8.99 3.55
N ALA A 212 -0.70 10.16 2.92
CA ALA A 212 -1.93 10.63 2.31
C ALA A 212 -2.00 10.34 0.81
N VAL A 213 -3.20 10.00 0.36
CA VAL A 213 -3.55 9.95 -1.05
C VAL A 213 -4.42 11.16 -1.36
N ASP A 214 -4.01 11.93 -2.37
CA ASP A 214 -4.78 13.08 -2.83
C ASP A 214 -5.73 12.61 -3.94
N PRO A 215 -7.04 12.52 -3.68
CA PRO A 215 -7.96 11.98 -4.70
C PRO A 215 -8.10 12.86 -5.92
N ASN A 216 -7.56 14.07 -5.92
CA ASN A 216 -7.60 14.96 -7.07
C ASN A 216 -6.33 14.89 -7.91
N ALA A 217 -5.38 14.02 -7.57
CA ALA A 217 -4.12 14.00 -8.30
C ALA A 217 -4.31 13.45 -9.71
N ASP A 218 -3.50 13.95 -10.63
CA ASP A 218 -3.33 13.28 -11.91
C ASP A 218 -2.53 12.00 -11.70
N PRO A 219 -2.99 10.85 -12.21
CA PRO A 219 -2.28 9.60 -11.92
C PRO A 219 -0.82 9.57 -12.36
N ILE A 220 -0.48 10.19 -13.49
CA ILE A 220 0.91 10.15 -13.95
C ILE A 220 1.78 11.05 -13.06
N GLU A 221 1.30 12.25 -12.75
CA GLU A 221 2.11 13.12 -11.92
C GLU A 221 2.25 12.57 -10.51
N ALA A 222 1.23 11.88 -10.00
CA ALA A 222 1.36 11.25 -8.70
C ALA A 222 2.39 10.12 -8.73
N GLU A 223 2.39 9.33 -9.81
CA GLU A 223 3.38 8.27 -9.96
C GLU A 223 4.80 8.83 -10.02
N LEU A 224 4.99 9.92 -10.76
CA LEU A 224 6.31 10.53 -10.86
C LEU A 224 6.73 11.17 -9.55
N ARG A 225 5.78 11.74 -8.81
CA ARG A 225 6.10 12.24 -7.48
C ARG A 225 6.50 11.08 -6.56
N GLN A 226 5.88 9.92 -6.75
CA GLN A 226 6.27 8.74 -5.99
C GLN A 226 7.66 8.25 -6.42
N ALA A 227 7.95 8.30 -7.73
CA ALA A 227 9.30 7.95 -8.17
C ALA A 227 10.34 8.87 -7.53
N LYS A 228 10.03 10.17 -7.47
CA LYS A 228 10.94 11.12 -6.83
C LYS A 228 11.05 10.83 -5.34
N GLY A 229 9.95 10.44 -4.71
CA GLY A 229 10.01 10.10 -3.29
C GLY A 229 10.96 8.96 -3.01
N PHE A 230 10.93 7.91 -3.84
CA PHE A 230 11.84 6.78 -3.62
C PHE A 230 13.27 7.14 -3.98
N GLN A 231 13.50 8.02 -4.97
CA GLN A 231 14.86 8.45 -5.23
C GLN A 231 15.40 9.30 -4.07
N ASP A 232 14.58 10.21 -3.54
CA ASP A 232 14.97 10.95 -2.34
C ASP A 232 15.30 10.00 -1.20
N ALA A 233 14.45 8.99 -0.97
CA ALA A 233 14.73 8.01 0.08
C ALA A 233 16.02 7.25 -0.20
N PHE A 234 16.21 6.81 -1.45
CA PHE A 234 17.46 6.19 -1.82
C PHE A 234 18.63 7.11 -1.50
N ASN A 235 18.49 8.41 -1.79
CA ASN A 235 19.58 9.35 -1.56
C ASN A 235 19.88 9.47 -0.08
N ASN A 236 18.84 9.48 0.76
CA ASN A 236 19.04 9.59 2.20
C ASN A 236 19.66 8.31 2.77
N TYR A 237 19.21 7.15 2.28
CA TYR A 237 19.81 5.88 2.66
C TYR A 237 21.29 5.87 2.32
N ALA A 238 21.64 6.31 1.11
CA ALA A 238 23.02 6.21 0.65
C ALA A 238 23.92 7.24 1.31
N ALA A 239 23.42 8.44 1.60
CA ALA A 239 24.24 9.40 2.34
C ALA A 239 24.47 8.93 3.76
N ASP A 240 23.47 8.28 4.37
CA ASP A 240 23.69 7.66 5.66
C ASP A 240 24.73 6.55 5.55
N CYS A 241 24.55 5.66 4.56
CA CYS A 241 25.48 4.55 4.37
C CYS A 241 26.92 5.04 4.20
N ALA A 242 27.10 6.15 3.48
CA ALA A 242 28.43 6.69 3.18
C ALA A 242 29.20 7.06 4.43
N LYS A 243 28.52 7.35 5.54
CA LYS A 243 29.18 7.68 6.80
C LYS A 243 29.67 6.44 7.53
N ASN A 244 29.25 5.26 7.09
CA ASN A 244 29.45 4.02 7.82
C ASN A 244 30.53 3.18 7.13
N ALA A 245 31.33 2.50 7.94
CA ALA A 245 32.43 1.69 7.41
C ALA A 245 31.90 0.60 6.49
N GLY A 246 32.62 0.37 5.40
CA GLY A 246 32.28 -0.69 4.46
C GLY A 246 31.03 -0.47 3.63
N CYS A 247 30.56 0.76 3.51
CA CYS A 247 29.35 1.04 2.74
C CYS A 247 29.48 0.42 1.36
N PRO A 248 28.60 -0.49 0.97
CA PRO A 248 28.74 -1.14 -0.34
C PRO A 248 28.46 -0.19 -1.50
N LEU A 249 27.87 0.98 -1.25
CA LEU A 249 27.72 1.98 -2.29
C LEU A 249 28.86 3.01 -2.29
N GLY A 250 29.86 2.85 -1.42
CA GLY A 250 30.98 3.76 -1.38
C GLY A 250 30.76 4.94 -0.46
N ALA A 251 31.84 5.71 -0.27
CA ALA A 251 31.83 6.82 0.67
C ALA A 251 31.46 8.15 0.03
N ASP A 252 31.26 8.19 -1.28
CA ASP A 252 30.85 9.41 -1.96
C ASP A 252 29.40 9.28 -2.41
N PRO A 253 28.43 9.90 -1.72
CA PRO A 253 27.03 9.68 -2.11
C PRO A 253 26.66 10.27 -3.46
N ALA A 254 27.45 11.19 -4.02
CA ALA A 254 27.17 11.62 -5.39
C ALA A 254 27.36 10.49 -6.40
N LYS A 255 28.10 9.44 -6.04
CA LYS A 255 28.34 8.30 -6.93
C LYS A 255 27.51 7.07 -6.56
N ALA A 256 26.62 7.18 -5.58
CA ALA A 256 25.92 6.01 -5.05
C ALA A 256 25.02 5.35 -6.10
N VAL A 257 24.31 6.15 -6.91
CA VAL A 257 23.44 5.56 -7.94
C VAL A 257 24.27 4.78 -8.94
N GLU A 258 25.43 5.33 -9.34
CA GLU A 258 26.36 4.66 -10.24
C GLU A 258 26.83 3.35 -9.68
N VAL A 259 27.32 3.36 -8.42
CA VAL A 259 27.85 2.14 -7.81
C VAL A 259 26.73 1.12 -7.64
N TYR A 260 25.53 1.59 -7.24
CA TYR A 260 24.36 0.72 -7.16
C TYR A 260 24.14 -0.02 -8.47
N HIS A 261 24.16 0.71 -9.59
CA HIS A 261 23.97 0.06 -10.88
C HIS A 261 25.13 -0.86 -11.23
N SER A 262 26.34 -0.57 -10.75
CA SER A 262 27.44 -1.51 -10.99
C SER A 262 27.22 -2.83 -10.26
N LEU A 263 26.33 -2.87 -9.28
CA LEU A 263 26.00 -4.07 -8.53
C LEU A 263 24.79 -4.78 -9.08
N VAL A 264 23.74 -4.05 -9.50
CA VAL A 264 22.54 -4.75 -9.97
C VAL A 264 22.55 -4.96 -11.48
N ASP A 265 23.17 -4.08 -12.25
CA ASP A 265 23.12 -4.24 -13.71
C ASP A 265 23.73 -5.56 -14.18
N PRO A 266 24.81 -6.09 -13.59
CA PRO A 266 25.30 -7.41 -14.05
C PRO A 266 24.29 -8.53 -13.90
N LEU A 267 23.19 -8.34 -13.17
CA LEU A 267 22.14 -9.36 -13.13
C LEU A 267 21.36 -9.48 -14.44
N VAL A 268 21.63 -8.58 -15.40
CA VAL A 268 21.04 -8.64 -16.74
C VAL A 268 22.16 -8.91 -17.74
N ASP A 269 21.92 -9.84 -18.65
CA ASP A 269 22.84 -10.09 -19.75
C ASP A 269 23.06 -8.81 -20.55
N PRO A 270 24.28 -8.28 -20.63
CA PRO A 270 24.47 -6.98 -21.29
C PRO A 270 24.26 -7.02 -22.81
N ASP A 271 24.13 -8.20 -23.42
CA ASP A 271 23.85 -8.28 -24.86
C ASP A 271 22.45 -8.75 -25.18
N ASN A 272 21.69 -9.18 -24.19
CA ASN A 272 20.29 -9.56 -24.40
C ASN A 272 19.54 -9.19 -23.13
N PRO A 273 18.82 -8.06 -23.14
CA PRO A 273 18.15 -7.59 -21.92
C PRO A 273 17.05 -8.52 -21.43
N ARG A 274 16.66 -9.52 -22.22
CA ARG A 274 15.67 -10.49 -21.75
C ARG A 274 16.28 -11.60 -20.91
N ILE A 275 17.61 -11.70 -20.84
CA ILE A 275 18.28 -12.84 -20.19
C ILE A 275 18.71 -12.45 -18.80
N SER A 276 18.25 -13.21 -17.81
CA SER A 276 18.64 -13.00 -16.43
C SER A 276 19.96 -13.71 -16.14
N ARG A 277 20.83 -13.05 -15.39
CA ARG A 277 22.03 -13.66 -14.80
C ARG A 277 21.91 -13.56 -13.28
N PRO A 278 21.05 -14.37 -12.66
CA PRO A 278 20.70 -14.10 -11.26
C PRO A 278 21.88 -14.29 -10.33
N ALA A 279 21.91 -13.48 -9.28
CA ALA A 279 22.93 -13.65 -8.27
C ALA A 279 22.64 -14.92 -7.48
N ARG A 280 23.70 -15.60 -7.05
CA ARG A 280 23.54 -16.86 -6.31
C ARG A 280 22.84 -16.63 -4.97
N THR A 281 21.90 -17.51 -4.66
CA THR A 281 21.25 -17.54 -3.35
C THR A 281 21.18 -19.00 -2.88
N LYS A 282 20.93 -19.18 -1.58
CA LYS A 282 20.62 -20.52 -1.09
C LYS A 282 19.28 -21.00 -1.61
N ASP A 283 18.32 -20.09 -1.75
CA ASP A 283 17.08 -20.36 -2.47
C ASP A 283 17.39 -20.77 -3.92
N PRO A 284 16.61 -21.68 -4.50
CA PRO A 284 16.86 -22.07 -5.91
C PRO A 284 16.61 -20.95 -6.92
N ARG A 285 15.87 -19.90 -6.56
CA ARG A 285 15.52 -18.89 -7.56
C ARG A 285 16.71 -18.05 -7.96
N GLY A 286 17.62 -17.76 -7.02
CA GLY A 286 18.60 -16.72 -7.23
C GLY A 286 17.90 -15.36 -7.24
N LEU A 287 18.70 -14.30 -7.48
CA LEU A 287 18.20 -12.94 -7.42
C LEU A 287 18.21 -12.32 -8.82
N SER A 288 17.02 -12.10 -9.38
CA SER A 288 16.89 -11.38 -10.64
C SER A 288 17.09 -9.87 -10.45
N TYR A 289 17.29 -9.17 -11.57
CA TYR A 289 17.37 -7.71 -11.54
C TYR A 289 16.08 -7.11 -10.98
N SER A 290 14.93 -7.59 -11.47
CA SER A 290 13.67 -7.02 -11.02
C SER A 290 13.45 -7.25 -9.52
N ASP A 291 13.84 -8.43 -9.01
CA ASP A 291 13.71 -8.65 -7.56
C ASP A 291 14.68 -7.77 -6.78
N ALA A 292 15.88 -7.54 -7.32
CA ALA A 292 16.83 -6.62 -6.67
C ALA A 292 16.23 -5.24 -6.52
N ILE A 293 15.61 -4.71 -7.58
CA ILE A 293 14.98 -3.39 -7.51
C ILE A 293 13.84 -3.40 -6.51
N VAL A 294 12.97 -4.42 -6.59
CA VAL A 294 11.84 -4.52 -5.68
C VAL A 294 12.31 -4.63 -4.24
N GLY A 295 13.36 -5.42 -4.00
CA GLY A 295 13.89 -5.53 -2.65
C GLY A 295 14.43 -4.21 -2.13
N THR A 296 15.05 -3.43 -3.03
CA THR A 296 15.54 -2.10 -2.66
C THR A 296 14.38 -1.17 -2.32
N ILE A 297 13.32 -1.22 -3.13
CA ILE A 297 12.14 -0.40 -2.86
C ILE A 297 11.54 -0.76 -1.51
N ALA A 299 13.05 -1.93 1.13
CA ALA A 299 13.89 -1.43 2.22
C ALA A 299 13.70 0.07 2.43
N LEU A 300 13.36 0.82 1.37
CA LEU A 300 13.24 2.27 1.49
C LEU A 300 11.92 2.71 2.11
N TYR A 301 11.07 1.76 2.53
CA TYR A 301 9.87 2.12 3.29
C TYR A 301 10.17 2.58 4.71
N SER A 302 11.34 2.21 5.27
CA SER A 302 11.60 2.51 6.67
C SER A 302 13.10 2.45 6.92
N PRO A 303 13.67 3.41 7.68
CA PRO A 303 15.07 3.25 8.11
C PRO A 303 15.33 1.98 8.88
N ASN A 304 14.29 1.37 9.46
CA ASN A 304 14.45 0.07 10.12
C ASN A 304 14.92 -1.02 9.16
N LEU A 305 14.78 -0.81 7.85
CA LEU A 305 15.19 -1.80 6.86
C LEU A 305 16.47 -1.41 6.14
N TRP A 306 17.08 -0.27 6.48
CA TRP A 306 18.29 0.16 5.77
C TRP A 306 19.45 -0.81 5.99
N GLN A 307 19.61 -1.32 7.21
CA GLN A 307 20.66 -2.31 7.47
C GLN A 307 20.51 -3.51 6.53
N HIS A 308 19.28 -3.97 6.31
CA HIS A 308 19.06 -5.08 5.39
C HIS A 308 19.44 -4.72 3.96
N LEU A 309 19.15 -3.48 3.53
CA LEU A 309 19.55 -3.07 2.18
C LEU A 309 21.07 -3.08 2.06
N THR A 310 21.76 -2.59 3.09
CA THR A 310 23.22 -2.63 3.12
C THR A 310 23.74 -4.06 3.08
N ASP A 311 23.17 -4.95 3.90
CA ASP A 311 23.52 -6.37 3.81
C ASP A 311 23.28 -6.90 2.40
N GLY A 312 22.14 -6.54 1.80
CA GLY A 312 21.82 -7.07 0.48
C GLY A 312 22.78 -6.59 -0.59
N LEU A 313 23.22 -5.34 -0.49
CA LEU A 313 24.16 -4.82 -1.47
C LEU A 313 25.58 -5.34 -1.23
N SER A 314 25.98 -5.52 0.03
CA SER A 314 27.26 -6.15 0.31
C SER A 314 27.32 -7.55 -0.26
N GLU A 315 26.23 -8.31 -0.09
CA GLU A 315 26.14 -9.62 -0.72
C GLU A 315 26.36 -9.54 -2.23
N LEU A 316 25.80 -8.49 -2.88
CA LEU A 316 25.90 -8.37 -4.32
C LEU A 316 27.33 -8.12 -4.78
N VAL A 317 28.13 -7.42 -3.97
CA VAL A 317 29.56 -7.27 -4.26
C VAL A 317 30.19 -8.64 -4.52
N ASP A 318 29.79 -9.66 -3.75
CA ASP A 318 30.27 -11.02 -3.93
C ASP A 318 29.34 -11.87 -4.80
N ASN A 319 28.48 -11.24 -5.61
CA ASN A 319 27.56 -11.98 -6.48
C ASN A 319 26.67 -12.94 -5.69
N ARG A 320 26.20 -12.49 -4.53
CA ARG A 320 25.17 -13.22 -3.78
C ARG A 320 23.95 -12.31 -3.61
N GLY A 321 22.78 -12.93 -3.45
CA GLY A 321 21.54 -12.15 -3.45
C GLY A 321 20.51 -12.49 -2.41
N ASP A 322 20.89 -13.18 -1.32
CA ASP A 322 19.91 -13.74 -0.39
C ASP A 322 19.08 -12.67 0.29
N THR A 323 19.72 -11.60 0.82
CA THR A 323 18.96 -10.61 1.57
C THR A 323 18.03 -9.79 0.66
N LEU A 324 18.52 -9.37 -0.51
CA LEU A 324 17.62 -8.66 -1.42
C LEU A 324 16.46 -9.55 -1.86
N LEU A 325 16.70 -10.85 -2.03
CA LEU A 325 15.60 -11.76 -2.39
C LEU A 325 14.56 -11.81 -1.27
N ALA A 326 15.02 -11.90 -0.02
CA ALA A 326 14.09 -11.94 1.10
C ALA A 326 13.32 -10.63 1.22
N LEU A 327 13.98 -9.50 0.96
CA LEU A 327 13.26 -8.22 0.96
C LEU A 327 12.20 -8.21 -0.12
N ALA A 328 12.53 -8.70 -1.33
CA ALA A 328 11.53 -8.75 -2.38
C ALA A 328 10.37 -9.68 -2.02
N ASP A 329 10.67 -10.81 -1.36
CA ASP A 329 9.61 -11.70 -0.89
C ASP A 329 8.72 -11.01 0.12
N TYR A 331 8.10 -7.78 0.21
CA TYR A 331 7.26 -6.90 -0.60
C TYR A 331 6.12 -7.67 -1.26
N ARG A 333 4.91 -10.56 -0.42
CA ARG A 333 4.25 -11.43 0.54
C ARG A 333 4.25 -12.88 0.06
N ARG A 334 5.43 -13.35 -0.33
CA ARG A 334 5.66 -14.76 -0.62
C ARG A 334 6.28 -15.40 0.62
N ASP A 335 5.60 -16.40 1.19
CA ASP A 335 6.08 -17.00 2.43
C ASP A 335 7.16 -18.06 2.15
N SER A 336 7.67 -18.67 3.22
CA SER A 336 8.80 -19.61 3.12
C SER A 336 8.44 -20.89 2.40
N HIS A 337 7.16 -21.16 2.15
CA HIS A 337 6.78 -22.31 1.34
C HIS A 337 6.46 -21.92 -0.10
N GLY A 338 6.79 -20.69 -0.51
CA GLY A 338 6.53 -20.25 -1.85
C GLY A 338 5.09 -19.87 -2.12
N ARG A 339 4.27 -19.70 -1.09
CA ARG A 339 2.87 -19.32 -1.29
C ARG A 339 2.73 -17.81 -1.16
N TYR A 340 2.03 -17.20 -2.13
CA TYR A 340 1.74 -15.78 -2.08
C TYR A 340 0.38 -15.58 -1.41
N ASN A 341 0.27 -14.56 -0.56
CA ASN A 341 -1.08 -14.15 -0.22
C ASN A 341 -1.65 -13.34 -1.40
N ASN A 342 -2.91 -12.91 -1.29
CA ASN A 342 -3.58 -12.32 -2.44
C ASN A 342 -3.41 -10.80 -2.52
N SER A 343 -2.50 -10.22 -1.74
CA SER A 343 -2.40 -8.76 -1.69
C SER A 343 -2.03 -8.18 -3.05
N GLY A 344 -1.09 -8.82 -3.77
CA GLY A 344 -0.72 -8.32 -5.10
C GLY A 344 -1.87 -8.29 -6.07
N ASP A 345 -2.63 -9.38 -6.16
CA ASP A 345 -3.74 -9.43 -7.11
C ASP A 345 -4.86 -8.47 -6.69
N ALA A 346 -5.18 -8.41 -5.40
CA ALA A 346 -6.18 -7.46 -4.93
C ALA A 346 -5.75 -6.03 -5.19
N ARG A 347 -4.48 -5.72 -4.94
CA ARG A 347 -3.99 -4.35 -5.11
C ARG A 347 -4.25 -3.85 -6.52
N VAL A 348 -3.93 -4.66 -7.53
CA VAL A 348 -4.20 -4.28 -8.91
C VAL A 348 -5.70 -4.09 -9.14
N ALA A 349 -6.50 -5.09 -8.78
CA ALA A 349 -7.92 -5.07 -9.09
C ALA A 349 -8.62 -3.87 -8.47
N ILE A 350 -8.20 -3.49 -7.25
CA ILE A 350 -8.79 -2.32 -6.60
C ILE A 350 -8.29 -1.03 -7.25
N ASN A 351 -6.97 -0.94 -7.49
CA ASN A 351 -6.43 0.27 -8.09
C ASN A 351 -7.06 0.55 -9.45
N CYS A 352 -7.37 -0.51 -10.20
CA CYS A 352 -7.81 -0.33 -11.57
C CYS A 352 -9.23 0.19 -11.66
N VAL A 353 -10.03 0.09 -10.59
CA VAL A 353 -11.37 0.63 -10.61
C VAL A 353 -11.51 1.92 -9.82
N ASP A 354 -10.45 2.35 -9.12
CA ASP A 354 -10.55 3.57 -8.31
C ASP A 354 -10.33 4.86 -9.09
N GLN A 355 -9.93 4.80 -10.36
CA GLN A 355 -9.80 6.00 -11.18
C GLN A 355 -9.66 5.57 -12.64
N PRO A 356 -9.90 6.48 -13.60
CA PRO A 356 -9.68 6.17 -15.02
C PRO A 356 -8.24 5.79 -15.28
N PRO A 357 -8.01 4.65 -15.93
CA PRO A 357 -6.64 4.26 -16.27
C PRO A 357 -6.03 5.16 -17.33
N VAL A 358 -4.69 5.18 -17.35
CA VAL A 358 -3.95 5.85 -18.40
C VAL A 358 -3.85 4.90 -19.59
N THR A 359 -4.42 5.32 -20.74
CA THR A 359 -4.40 4.50 -21.95
C THR A 359 -3.61 5.13 -23.09
N ASP A 360 -3.20 6.39 -22.99
CA ASP A 360 -2.52 7.07 -24.08
C ASP A 360 -1.05 6.65 -24.14
N ARG A 361 -0.62 6.10 -25.29
CA ARG A 361 0.75 5.59 -25.43
C ARG A 361 1.78 6.69 -25.25
N ASP A 362 1.54 7.87 -25.84
CA ASP A 362 2.50 8.97 -25.71
C ASP A 362 2.69 9.39 -24.27
N LYS A 363 1.60 9.43 -23.49
CA LYS A 363 1.74 9.85 -22.10
C LYS A 363 2.59 8.84 -21.33
N VAL A 364 2.39 7.55 -21.60
CA VAL A 364 3.14 6.50 -20.93
C VAL A 364 4.61 6.55 -21.32
N ILE A 365 4.90 6.74 -22.62
CA ILE A 365 6.28 6.86 -23.06
C ILE A 365 6.93 8.09 -22.43
N ASP A 366 6.23 9.21 -22.43
CA ASP A 366 6.78 10.42 -21.79
C ASP A 366 6.97 10.21 -20.28
N GLU A 367 6.07 9.47 -19.63
CA GLU A 367 6.26 9.20 -18.22
C GLU A 367 7.54 8.42 -17.95
N ASP A 368 7.83 7.42 -18.79
CA ASP A 368 9.07 6.66 -18.64
C ASP A 368 10.29 7.55 -18.89
N ARG A 369 10.22 8.43 -19.89
CA ARG A 369 11.33 9.33 -20.15
C ARG A 369 11.66 10.16 -18.93
N ARG A 370 10.62 10.68 -18.26
CA ARG A 370 10.82 11.53 -17.09
C ARG A 370 11.23 10.70 -15.87
N ALA A 371 10.61 9.53 -15.69
CA ALA A 371 10.94 8.70 -14.52
C ALA A 371 12.41 8.32 -14.53
N ARG A 372 12.97 8.03 -15.72
CA ARG A 372 14.37 7.66 -15.81
C ARG A 372 15.27 8.77 -15.30
N GLU A 373 14.88 10.02 -15.49
CA GLU A 373 15.67 11.16 -15.02
C GLU A 373 15.40 11.44 -13.55
N ILE A 374 14.16 11.23 -13.09
CA ILE A 374 13.78 11.55 -11.73
C ILE A 374 14.30 10.52 -10.74
N ALA A 375 14.30 9.24 -11.14
CA ALA A 375 14.65 8.12 -10.27
C ALA A 375 15.61 7.19 -11.00
N PRO A 376 16.84 7.64 -11.26
CA PRO A 376 17.77 6.78 -12.01
C PRO A 376 18.13 5.48 -11.27
N PHE A 377 17.97 5.39 -9.94
CA PHE A 377 18.33 4.14 -9.25
C PHE A 377 17.50 2.96 -9.76
N SER A 379 15.96 2.58 -12.93
CA SER A 379 15.81 2.43 -14.37
C SER A 379 17.11 1.88 -14.93
N TYR A 380 16.99 1.03 -15.95
CA TYR A 380 18.12 0.30 -16.53
C TYR A 380 18.38 0.78 -17.94
N GLY A 381 19.65 1.00 -18.27
CA GLY A 381 20.02 1.39 -19.62
C GLY A 381 19.47 2.76 -19.98
N LYS A 382 19.14 2.94 -21.26
CA LYS A 382 18.73 4.21 -21.79
C LYS A 382 17.25 4.19 -22.19
N PHE A 383 16.67 5.38 -22.21
CA PHE A 383 15.35 5.57 -22.78
C PHE A 383 15.30 4.98 -24.19
N THR A 384 14.27 4.18 -24.48
CA THR A 384 14.17 3.49 -25.76
C THR A 384 13.21 4.16 -26.74
N GLY A 385 12.38 5.09 -26.28
CA GLY A 385 11.30 5.63 -27.09
C GLY A 385 10.01 4.86 -26.99
N ASP A 386 9.99 3.76 -26.24
CA ASP A 386 8.78 2.96 -26.04
C ASP A 386 8.72 2.57 -24.57
N ALA A 387 7.50 2.31 -24.10
CA ALA A 387 7.27 1.84 -22.73
C ALA A 387 5.93 1.15 -22.70
N PRO A 388 5.73 0.18 -21.79
CA PRO A 388 4.48 -0.57 -21.77
C PRO A 388 3.37 0.18 -21.05
N LEU A 389 2.15 -0.04 -21.53
CA LEU A 389 0.98 0.43 -20.80
C LEU A 389 0.86 -0.37 -19.50
N GLY A 390 0.29 0.27 -18.47
CA GLY A 390 0.04 -0.44 -17.22
C GLY A 390 -1.13 -1.40 -17.29
N THR A 391 -1.25 -2.24 -16.26
CA THR A 391 -2.26 -3.28 -16.24
C THR A 391 -3.67 -2.71 -16.36
N CYS A 392 -3.90 -1.52 -15.79
CA CYS A 392 -5.25 -0.98 -15.76
C CYS A 392 -5.72 -0.53 -17.12
N ALA A 393 -4.80 -0.27 -18.06
CA ALA A 393 -5.20 0.09 -19.41
C ALA A 393 -5.96 -1.04 -20.09
N PHE A 394 -5.80 -2.28 -19.63
CA PHE A 394 -6.49 -3.43 -20.20
C PHE A 394 -7.62 -3.92 -19.31
N TRP A 395 -7.99 -3.15 -18.27
CA TRP A 395 -8.96 -3.65 -17.30
C TRP A 395 -10.34 -3.78 -17.95
N PRO A 396 -11.05 -4.88 -17.70
CA PRO A 396 -12.31 -5.16 -18.40
C PRO A 396 -13.54 -4.54 -17.76
N VAL A 397 -13.36 -3.68 -16.77
CA VAL A 397 -14.47 -3.22 -15.95
C VAL A 397 -14.17 -1.76 -15.59
N PRO A 398 -15.18 -0.86 -15.64
CA PRO A 398 -14.88 0.58 -15.67
C PRO A 398 -14.62 1.14 -14.28
N PRO A 399 -14.02 2.33 -14.19
CA PRO A 399 -13.76 2.93 -12.88
C PRO A 399 -15.05 3.30 -12.17
N THR A 400 -15.03 3.17 -10.85
CA THR A 400 -16.18 3.56 -10.03
C THR A 400 -15.89 4.81 -9.21
N SER A 401 -14.74 5.45 -9.44
CA SER A 401 -14.43 6.75 -8.85
C SER A 401 -13.72 7.57 -9.90
N GLN A 402 -13.82 8.90 -9.76
CA GLN A 402 -13.21 9.86 -10.65
C GLN A 402 -12.42 10.87 -9.81
N PRO A 403 -11.23 11.26 -10.24
CA PRO A 403 -10.44 12.22 -9.46
C PRO A 403 -11.21 13.52 -9.24
N HIS A 404 -11.09 14.05 -8.03
CA HIS A 404 -11.81 15.26 -7.62
C HIS A 404 -11.26 15.64 -6.26
N ALA A 405 -11.39 16.92 -5.92
CA ALA A 405 -10.96 17.38 -4.60
C ALA A 405 -12.00 16.97 -3.57
N VAL A 406 -11.55 16.53 -2.41
CA VAL A 406 -12.48 16.10 -1.37
C VAL A 406 -13.38 17.27 -1.00
N SER A 407 -14.68 17.05 -1.05
CA SER A 407 -15.67 18.07 -0.65
C SER A 407 -16.58 17.45 0.40
N ALA A 408 -16.34 17.80 1.67
CA ALA A 408 -17.15 17.30 2.78
C ALA A 408 -17.30 18.43 3.78
N PRO A 409 -18.11 19.43 3.47
CA PRO A 409 -18.14 20.66 4.29
C PRO A 409 -18.59 20.45 5.73
N GLY A 410 -19.49 19.52 5.99
CA GLY A 410 -19.83 19.44 7.40
C GLY A 410 -18.90 18.61 8.26
N LEU A 411 -17.80 18.09 7.71
CA LEU A 411 -17.00 17.09 8.41
C LEU A 411 -16.33 17.67 9.65
N VAL A 412 -16.35 16.90 10.72
CA VAL A 412 -15.62 17.19 11.95
C VAL A 412 -14.15 17.43 11.63
N PRO A 413 -13.41 18.22 12.42
CA PRO A 413 -11.96 18.31 12.19
C PRO A 413 -11.30 16.94 12.23
N THR A 414 -10.37 16.72 11.31
CA THR A 414 -9.62 15.46 11.19
C THR A 414 -8.12 15.79 11.21
N VAL A 415 -7.30 14.75 11.39
CA VAL A 415 -5.85 14.91 11.46
C VAL A 415 -5.21 14.12 10.32
N VAL A 416 -4.45 14.80 9.46
CA VAL A 416 -3.65 14.15 8.43
C VAL A 416 -2.21 14.15 8.92
N VAL A 417 -1.59 12.97 9.00
CA VAL A 417 -0.20 12.83 9.39
C VAL A 417 0.64 12.64 8.14
N SER A 418 1.67 13.46 7.97
CA SER A 418 2.46 13.44 6.74
C SER A 418 3.93 13.50 7.08
N THR A 419 4.72 12.61 6.49
CA THR A 419 6.14 12.50 6.78
C THR A 419 6.94 13.21 5.70
N THR A 420 7.94 14.01 6.13
CA THR A 420 8.57 14.98 5.23
C THR A 420 9.25 14.32 4.04
N HIS A 421 9.82 13.13 4.22
CA HIS A 421 10.45 12.41 3.10
C HIS A 421 9.88 11.01 2.96
N ASP A 422 8.56 10.90 3.13
CA ASP A 422 7.82 9.69 2.85
C ASP A 422 7.97 9.33 1.37
N PRO A 423 8.50 8.14 1.03
CA PRO A 423 8.67 7.78 -0.38
C PRO A 423 7.38 7.36 -1.07
N ALA A 424 6.46 6.72 -0.36
CA ALA A 424 5.30 6.13 -1.02
C ALA A 424 4.12 7.09 -1.12
N THR A 425 3.90 7.93 -0.09
CA THR A 425 2.90 8.99 -0.14
C THR A 425 3.59 10.25 0.32
N PRO A 426 4.16 11.03 -0.61
CA PRO A 426 5.02 12.16 -0.23
C PRO A 426 4.34 13.19 0.64
N TYR A 427 5.18 13.99 1.30
CA TYR A 427 4.73 14.99 2.28
C TYR A 427 3.64 15.88 1.71
N LYS A 428 3.87 16.47 0.52
CA LYS A 428 2.96 17.47 0.01
C LYS A 428 1.56 16.90 -0.24
N ALA A 429 1.47 15.62 -0.59
CA ALA A 429 0.15 15.00 -0.73
C ALA A 429 -0.65 15.10 0.57
N GLY A 430 0.03 15.00 1.72
CA GLY A 430 -0.65 15.20 2.99
C GLY A 430 -1.09 16.63 3.22
N VAL A 431 -0.24 17.58 2.82
CA VAL A 431 -0.64 18.99 2.90
C VAL A 431 -1.89 19.23 2.06
N ASP A 432 -1.91 18.70 0.83
CA ASP A 432 -3.07 18.90 -0.03
C ASP A 432 -4.31 18.23 0.51
N LEU A 433 -4.17 16.99 1.02
CA LEU A 433 -5.35 16.31 1.55
C LEU A 433 -5.92 17.05 2.77
N ALA A 434 -5.04 17.52 3.66
CA ALA A 434 -5.51 18.27 4.83
C ALA A 434 -6.21 19.55 4.41
N ASN A 435 -5.72 20.22 3.37
CA ASN A 435 -6.38 21.39 2.82
C ASN A 435 -7.79 21.06 2.33
N GLN A 436 -7.93 19.97 1.57
CA GLN A 436 -9.24 19.61 1.04
C GLN A 436 -10.20 19.23 2.16
N LEU A 437 -9.71 18.57 3.20
CA LEU A 437 -10.57 18.21 4.32
C LEU A 437 -10.79 19.36 5.30
N ARG A 438 -10.08 20.49 5.13
CA ARG A 438 -10.09 21.56 6.12
C ARG A 438 -9.71 21.02 7.50
N GLY A 439 -8.80 20.05 7.52
CA GLY A 439 -8.37 19.42 8.74
C GLY A 439 -7.01 19.91 9.18
N SER A 440 -6.44 19.20 10.15
CA SER A 440 -5.15 19.57 10.69
C SER A 440 -4.05 18.72 10.05
N LEU A 441 -2.89 19.34 9.85
CA LEU A 441 -1.71 18.65 9.34
C LEU A 441 -0.70 18.46 10.46
N LEU A 442 -0.37 17.21 10.76
CA LEU A 442 0.66 16.88 11.72
C LEU A 442 1.88 16.38 10.96
N THR A 443 3.01 17.06 11.13
CA THR A 443 4.21 16.76 10.36
C THR A 443 5.15 15.86 11.16
N PHE A 444 5.69 14.85 10.49
CA PHE A 444 6.75 14.01 11.04
C PHE A 444 7.97 14.10 10.13
N ASP A 445 9.09 14.52 10.70
CA ASP A 445 10.35 14.64 9.96
C ASP A 445 11.01 13.28 9.92
N GLY A 446 11.10 12.67 8.74
CA GLY A 446 11.65 11.33 8.62
C GLY A 446 11.62 10.87 7.17
N THR A 447 12.26 9.72 6.94
CA THR A 447 12.34 9.10 5.62
C THR A 447 11.74 7.71 5.73
N GLN A 448 10.41 7.67 5.76
CA GLN A 448 9.64 6.45 5.96
C GLN A 448 8.21 6.70 5.52
N HIS A 449 7.50 5.61 5.27
CA HIS A 449 6.08 5.67 4.94
C HIS A 449 5.26 5.31 6.17
N THR A 450 4.49 6.28 6.68
CA THR A 450 3.62 6.22 7.87
C THR A 450 4.42 6.27 9.17
N VAL A 451 3.75 6.57 10.29
CA VAL A 451 4.46 6.76 11.55
C VAL A 451 3.56 6.50 12.75
N VAL A 452 2.23 6.56 12.58
CA VAL A 452 1.35 6.48 13.75
C VAL A 452 1.40 5.09 14.37
N PHE A 453 1.45 5.05 15.71
CA PHE A 453 1.51 3.81 16.48
C PHE A 453 2.69 2.94 16.05
N GLN A 454 3.84 3.59 15.82
CA GLN A 454 5.05 2.88 15.41
C GLN A 454 6.26 3.39 16.17
N GLY A 455 6.08 3.68 17.46
CA GLY A 455 7.21 3.95 18.35
C GLY A 455 7.55 5.39 18.63
N ASP A 456 6.82 6.37 18.07
CA ASP A 456 7.13 7.77 18.30
C ASP A 456 6.10 8.36 19.27
N SER A 457 6.55 8.70 20.48
CA SER A 457 5.63 9.19 21.49
C SER A 457 5.07 10.56 21.14
N CYS A 458 5.86 11.40 20.46
CA CYS A 458 5.34 12.70 20.05
C CYS A 458 4.14 12.54 19.12
N ILE A 459 4.27 11.71 18.09
CA ILE A 459 3.15 11.47 17.19
C ILE A 459 1.98 10.86 17.95
N ASP A 460 2.27 9.80 18.74
CA ASP A 460 1.22 9.04 19.42
C ASP A 460 0.49 9.86 20.47
N GLU A 461 1.19 10.77 21.15
CA GLU A 461 0.52 11.64 22.12
C GLU A 461 -0.49 12.56 21.44
N TYR A 462 -0.11 13.15 20.30
CA TYR A 462 -1.05 13.94 19.53
C TYR A 462 -2.26 13.11 19.12
N VAL A 463 -2.01 11.89 18.66
CA VAL A 463 -3.08 11.06 18.13
C VAL A 463 -4.01 10.62 19.25
N THR A 464 -3.44 10.21 20.39
CA THR A 464 -4.25 9.82 21.55
C THR A 464 -5.15 10.96 22.01
N ALA A 465 -4.59 12.15 22.17
CA ALA A 465 -5.41 13.27 22.62
C ALA A 465 -6.54 13.56 21.63
N TYR A 466 -6.29 13.37 20.32
CA TYR A 466 -7.35 13.61 19.34
C TYR A 466 -8.41 12.52 19.38
N LEU A 467 -7.99 11.25 19.49
CA LEU A 467 -8.96 10.17 19.48
C LEU A 467 -9.87 10.23 20.71
N ILE A 468 -9.33 10.63 21.85
CA ILE A 468 -10.10 10.61 23.10
C ILE A 468 -10.83 11.92 23.31
N GLY A 469 -10.12 13.03 23.26
CA GLY A 469 -10.71 14.31 23.58
C GLY A 469 -11.13 15.17 22.41
N GLY A 470 -10.84 14.76 21.17
CA GLY A 470 -11.14 15.58 20.03
C GLY A 470 -10.18 16.72 19.81
N THR A 471 -9.07 16.75 20.51
CA THR A 471 -8.13 17.86 20.44
C THR A 471 -7.24 17.74 19.20
N THR A 472 -7.20 18.80 18.37
CA THR A 472 -6.35 18.67 17.21
C THR A 472 -5.00 19.32 17.46
N PRO A 473 -3.94 18.86 16.78
CA PRO A 473 -2.63 19.50 16.95
C PRO A 473 -2.69 20.94 16.50
N PRO A 474 -1.90 21.82 17.11
CA PRO A 474 -1.83 23.20 16.63
C PRO A 474 -1.25 23.26 15.23
N SER A 475 -1.63 24.32 14.52
CA SER A 475 -1.05 24.63 13.22
C SER A 475 0.47 24.63 13.33
N GLY A 476 1.14 23.97 12.38
CA GLY A 476 2.58 23.82 12.40
C GLY A 476 3.14 22.75 13.33
N ALA A 477 2.30 21.92 13.93
CA ALA A 477 2.80 20.89 14.84
C ALA A 477 3.73 19.92 14.10
N LYS A 478 4.89 19.64 14.69
CA LYS A 478 5.92 18.79 14.11
C LYS A 478 6.42 17.78 15.13
N CYS A 479 6.85 16.62 14.65
CA CYS A 479 7.43 15.58 15.50
C CYS A 479 8.69 14.99 14.88
#